data_4ATE
#
_entry.id   4ATE
#
_cell.length_a   70.270
_cell.length_b   70.270
_cell.length_c   92.470
_cell.angle_alpha   90.00
_cell.angle_beta   90.00
_cell.angle_gamma   120.00
#
_symmetry.space_group_name_H-M   'P 31 2 1'
#
loop_
_entity.id
_entity.type
_entity.pdbx_description
1 polymer 'BETA-PORPHYRANASE A'
2 non-polymer 'CALCIUM ION'
3 non-polymer 'SULFATE ION'
4 non-polymer 'CHLORIDE ION'
5 water water
#
_entity_poly.entity_id   1
_entity_poly.type   'polypeptide(L)'
_entity_poly.pdbx_seq_one_letter_code
;HHHHHHAQLPSPTNGKKWEKVEQLSDEFNGNSIDTNKWYDYHPFWEGRAPSNFKKGNAFVSDGFLNLRSTLRKEPSSVQD
PFKDIWVDAAAAVSKTKAQPGYYYEARFKASSLSMTSSFWFRVGQFSEIDVIEHIGNPSKENRQDDLPYQYHVNTHYYGK
HAGLQPLGTEYKMPGRGRDNFYTYGFWWKSPNELLFYFNGKQVMRIVPRVPLDEELRMIFDTEVFPFATAGVANIGLPKP
ENLRDNSKNTMKVDWVRVYKLVDGTA
;
_entity_poly.pdbx_strand_id   A
#
loop_
_chem_comp.id
_chem_comp.type
_chem_comp.name
_chem_comp.formula
CA non-polymer 'CALCIUM ION' 'Ca 2'
CL non-polymer 'CHLORIDE ION' 'Cl -1'
SO4 non-polymer 'SULFATE ION' 'O4 S -2'
#
# COMPACT_ATOMS: atom_id res chain seq x y z
N LEU A 9 14.43 5.54 -13.35
CA LEU A 9 13.74 4.33 -13.86
C LEU A 9 14.74 3.24 -14.30
N PRO A 10 14.33 1.95 -14.25
CA PRO A 10 15.16 0.93 -14.83
C PRO A 10 15.50 1.30 -16.29
N SER A 11 16.56 0.74 -16.88
CA SER A 11 16.78 0.90 -18.34
C SER A 11 15.62 0.31 -19.14
N PRO A 12 15.13 1.03 -20.16
CA PRO A 12 13.97 0.47 -20.83
C PRO A 12 14.46 -0.67 -21.69
N THR A 13 13.58 -1.61 -22.00
CA THR A 13 13.92 -2.79 -22.72
C THR A 13 14.04 -2.55 -24.20
N ASN A 14 15.13 -3.01 -24.76
CA ASN A 14 15.18 -3.25 -26.24
C ASN A 14 14.68 -2.15 -27.10
N GLY A 15 15.25 -0.97 -26.95
CA GLY A 15 14.88 0.06 -27.87
C GLY A 15 13.59 0.79 -27.63
N LYS A 16 12.86 0.43 -26.57
CA LYS A 16 11.64 1.09 -26.19
C LYS A 16 11.85 2.30 -25.33
N LYS A 17 10.82 3.15 -25.21
CA LYS A 17 10.92 4.34 -24.35
C LYS A 17 9.90 4.24 -23.23
N TRP A 18 10.25 4.79 -22.08
CA TRP A 18 9.28 4.96 -20.97
C TRP A 18 8.39 6.15 -21.23
N GLU A 19 7.09 6.02 -21.05
N GLU A 19 7.10 5.99 -21.03
CA GLU A 19 6.17 7.17 -21.16
CA GLU A 19 6.13 7.08 -21.15
C GLU A 19 5.38 7.11 -19.89
C GLU A 19 5.24 7.12 -19.92
N LYS A 20 5.16 8.25 -19.28
CA LYS A 20 4.32 8.29 -18.15
C LYS A 20 2.86 7.91 -18.45
N VAL A 21 2.29 7.06 -17.62
CA VAL A 21 0.86 6.73 -17.62
C VAL A 21 0.18 7.79 -16.81
N GLU A 22 -0.33 8.81 -17.45
CA GLU A 22 -0.78 9.95 -16.72
C GLU A 22 -1.91 9.67 -15.73
N GLN A 23 -2.79 8.71 -16.09
N GLN A 23 -2.85 8.72 -16.09
CA GLN A 23 -3.96 8.46 -15.28
CA GLN A 23 -4.01 8.52 -15.19
C GLN A 23 -3.66 7.75 -13.99
C GLN A 23 -3.67 7.76 -13.99
N LEU A 24 -2.45 7.17 -13.92
CA LEU A 24 -2.00 6.45 -12.70
C LEU A 24 -0.92 7.23 -11.96
N SER A 25 -0.56 8.46 -12.44
CA SER A 25 0.50 9.24 -11.83
C SER A 25 -0.08 10.44 -11.21
N ASP A 26 0.45 10.86 -10.05
CA ASP A 26 -0.08 12.06 -9.35
C ASP A 26 0.98 12.56 -8.45
N GLU A 27 1.27 13.86 -8.56
CA GLU A 27 2.19 14.54 -7.63
C GLU A 27 1.48 14.93 -6.38
N PHE A 28 0.18 14.82 -6.30
CA PHE A 28 -0.62 15.10 -5.11
C PHE A 28 -0.36 16.50 -4.57
N ASN A 29 -0.22 17.45 -5.50
CA ASN A 29 0.14 18.82 -5.13
C ASN A 29 -1.07 19.72 -5.24
N GLY A 30 -2.25 19.22 -5.51
CA GLY A 30 -3.45 20.06 -5.61
C GLY A 30 -4.11 20.29 -4.29
N ASN A 31 -5.24 21.01 -4.37
CA ASN A 31 -5.94 21.36 -3.13
C ASN A 31 -6.81 20.27 -2.57
N SER A 32 -7.14 19.28 -3.39
CA SER A 32 -7.98 18.13 -3.03
C SER A 32 -7.67 17.01 -4.01
N ILE A 33 -8.11 15.82 -3.69
CA ILE A 33 -7.84 14.65 -4.50
C ILE A 33 -8.43 14.72 -5.92
N ASP A 34 -7.70 14.24 -6.88
CA ASP A 34 -8.24 14.21 -8.23
C ASP A 34 -9.18 13.00 -8.35
N THR A 35 -10.49 13.29 -8.39
CA THR A 35 -11.45 12.26 -8.44
C THR A 35 -11.56 11.55 -9.81
N ASN A 36 -10.87 12.13 -10.81
CA ASN A 36 -10.82 11.36 -12.06
C ASN A 36 -9.94 10.16 -11.91
N LYS A 37 -8.93 10.25 -11.02
CA LYS A 37 -7.87 9.20 -10.91
C LYS A 37 -8.13 8.33 -9.70
N TRP A 38 -8.81 8.80 -8.67
CA TRP A 38 -8.81 8.09 -7.40
C TRP A 38 -10.19 8.07 -6.78
N TYR A 39 -10.64 6.93 -6.24
CA TYR A 39 -11.57 6.91 -5.16
C TYR A 39 -10.85 7.24 -3.90
N ASP A 40 -11.42 8.05 -2.99
CA ASP A 40 -10.83 8.32 -1.67
C ASP A 40 -11.41 7.39 -0.62
N TYR A 41 -11.71 6.17 -1.05
CA TYR A 41 -12.19 5.06 -0.23
C TYR A 41 -12.02 3.82 -1.09
N HIS A 42 -12.43 2.65 -0.57
CA HIS A 42 -12.34 1.41 -1.32
C HIS A 42 -13.73 1.04 -1.75
N PRO A 43 -14.05 1.11 -3.08
CA PRO A 43 -15.47 0.93 -3.51
C PRO A 43 -15.92 -0.50 -3.42
N PHE A 44 -15.02 -1.47 -3.17
CA PHE A 44 -15.46 -2.85 -3.19
C PHE A 44 -15.20 -3.56 -1.89
N TRP A 45 -14.69 -2.89 -0.85
CA TRP A 45 -14.31 -3.53 0.40
C TRP A 45 -14.41 -2.52 1.52
N GLU A 46 -14.98 -2.89 2.64
CA GLU A 46 -15.08 -1.88 3.71
CA GLU A 46 -15.13 -2.03 3.80
C GLU A 46 -13.81 -1.78 4.53
N GLY A 47 -12.89 -2.73 4.38
CA GLY A 47 -11.65 -2.74 5.13
C GLY A 47 -11.58 -3.82 6.14
N ARG A 48 -10.50 -3.86 6.93
CA ARG A 48 -10.19 -5.00 7.76
C ARG A 48 -10.62 -4.76 9.22
N ALA A 49 -11.71 -5.39 9.65
CA ALA A 49 -12.20 -5.23 11.02
C ALA A 49 -11.05 -5.52 11.97
N PRO A 50 -10.86 -4.72 13.04
CA PRO A 50 -11.77 -3.68 13.59
C PRO A 50 -11.56 -2.28 13.00
N SER A 51 -10.98 -2.20 11.84
CA SER A 51 -10.96 -0.95 11.06
C SER A 51 -11.88 -1.03 9.87
N ASN A 52 -12.39 0.13 9.47
CA ASN A 52 -13.10 0.29 8.18
C ASN A 52 -12.64 1.56 7.59
N PHE A 53 -12.46 1.60 6.26
CA PHE A 53 -12.06 2.83 5.61
C PHE A 53 -13.15 3.92 5.78
N LYS A 54 -12.70 5.16 6.07
CA LYS A 54 -13.67 6.27 6.16
C LYS A 54 -13.38 7.20 4.99
N LYS A 55 -14.45 7.52 4.24
CA LYS A 55 -14.27 8.71 3.27
C LYS A 55 -13.97 10.10 4.18
N GLY A 56 -12.96 10.39 3.28
CA GLY A 56 -12.08 11.46 3.22
C GLY A 56 -10.88 11.26 4.17
N ASN A 57 -10.69 10.10 4.85
CA ASN A 57 -9.47 9.96 5.69
C ASN A 57 -8.25 9.85 4.79
N ALA A 58 -8.45 9.49 3.49
CA ALA A 58 -7.45 9.71 2.43
C ALA A 58 -7.71 11.06 1.77
N PHE A 59 -6.82 12.02 1.91
CA PHE A 59 -7.07 13.37 1.39
C PHE A 59 -5.81 13.95 0.90
N VAL A 60 -5.92 14.84 -0.12
CA VAL A 60 -4.76 15.50 -0.64
C VAL A 60 -4.60 16.87 -0.09
N SER A 61 -3.43 17.19 0.43
CA SER A 61 -3.11 18.53 0.87
CA SER A 61 -3.14 18.48 1.08
C SER A 61 -1.65 18.57 1.27
N ASP A 62 -1.14 19.79 1.19
CA ASP A 62 0.23 20.08 1.58
CA ASP A 62 0.26 20.04 1.63
C ASP A 62 1.30 19.31 0.80
N GLY A 63 0.95 18.93 -0.44
CA GLY A 63 1.90 18.22 -1.34
C GLY A 63 1.83 16.67 -1.27
N PHE A 64 0.94 16.17 -0.41
CA PHE A 64 0.80 14.71 -0.15
C PHE A 64 -0.58 14.19 -0.40
N LEU A 65 -0.63 12.90 -0.74
CA LEU A 65 -1.82 12.11 -0.42
C LEU A 65 -1.62 11.64 1.04
N ASN A 66 -2.47 12.12 1.91
CA ASN A 66 -2.43 11.81 3.32
C ASN A 66 -3.42 10.70 3.60
N LEU A 67 -2.95 9.54 4.14
CA LEU A 67 -3.80 8.46 4.50
C LEU A 67 -3.81 8.40 6.01
N ARG A 68 -4.80 9.02 6.62
CA ARG A 68 -4.88 9.21 8.06
C ARG A 68 -5.79 8.15 8.65
N SER A 69 -5.37 7.57 9.79
CA SER A 69 -6.20 6.63 10.52
C SER A 69 -6.57 7.29 11.84
N THR A 70 -7.86 7.29 12.13
CA THR A 70 -8.38 8.03 13.31
C THR A 70 -9.20 7.10 14.18
N LEU A 71 -9.48 7.59 15.39
CA LEU A 71 -10.25 6.84 16.36
C LEU A 71 -11.73 7.03 16.08
N ARG A 72 -12.46 5.99 15.70
CA ARG A 72 -13.90 6.09 15.57
C ARG A 72 -14.55 6.15 16.94
N LYS A 73 -14.12 5.28 17.82
CA LYS A 73 -14.57 5.26 19.17
C LYS A 73 -13.51 4.55 20.05
N GLU A 74 -13.58 4.72 21.35
CA GLU A 74 -12.58 4.06 22.22
C GLU A 74 -12.76 2.54 22.10
N PRO A 75 -11.65 1.80 22.15
CA PRO A 75 -11.79 0.33 22.15
C PRO A 75 -12.52 -0.20 23.34
N SER A 76 -12.49 0.54 24.46
CA SER A 76 -13.27 0.16 25.62
C SER A 76 -14.77 0.37 25.44
N SER A 77 -15.19 1.06 24.40
CA SER A 77 -16.63 1.29 24.13
C SER A 77 -17.19 0.26 23.23
N VAL A 78 -16.46 -0.73 22.76
CA VAL A 78 -17.04 -1.79 21.96
C VAL A 78 -16.92 -3.13 22.69
N GLN A 79 -17.65 -4.10 22.25
CA GLN A 79 -17.64 -5.40 22.97
C GLN A 79 -16.31 -6.15 22.77
N ASP A 80 -15.77 -6.16 21.58
CA ASP A 80 -14.55 -6.90 21.26
C ASP A 80 -13.66 -6.04 20.39
N PRO A 81 -12.59 -5.43 20.90
CA PRO A 81 -11.66 -4.58 20.15
CA PRO A 81 -11.85 -4.57 20.04
C PRO A 81 -10.98 -5.28 18.99
N PHE A 82 -11.00 -6.62 18.94
CA PHE A 82 -10.40 -7.35 17.81
C PHE A 82 -11.37 -7.48 16.66
N LYS A 83 -12.64 -7.07 16.80
CA LYS A 83 -13.66 -7.32 15.80
C LYS A 83 -14.57 -6.13 15.53
N ASP A 84 -15.22 -5.61 16.59
CA ASP A 84 -16.15 -4.49 16.40
C ASP A 84 -15.40 -3.28 15.91
N ILE A 85 -16.04 -2.48 15.06
CA ILE A 85 -15.27 -1.41 14.40
C ILE A 85 -15.03 -0.23 15.34
N TRP A 86 -13.77 0.14 15.51
CA TRP A 86 -13.41 1.30 16.35
C TRP A 86 -12.35 2.15 15.67
N VAL A 87 -11.78 1.75 14.52
CA VAL A 87 -10.77 2.54 13.84
C VAL A 87 -11.26 2.93 12.46
N ASP A 88 -11.15 4.23 12.14
CA ASP A 88 -11.46 4.73 10.82
C ASP A 88 -10.17 4.83 10.03
N ALA A 89 -10.01 3.86 9.11
CA ALA A 89 -8.80 3.75 8.28
C ALA A 89 -8.95 4.59 7.02
N ALA A 90 -7.98 4.48 6.11
CA ALA A 90 -7.93 5.30 4.90
C ALA A 90 -7.62 4.41 3.72
N ALA A 91 -8.18 4.72 2.55
CA ALA A 91 -7.83 4.05 1.30
C ALA A 91 -8.00 5.01 0.15
N ALA A 92 -7.14 4.83 -0.84
CA ALA A 92 -7.27 5.44 -2.17
C ALA A 92 -7.12 4.32 -3.19
N VAL A 93 -8.02 4.23 -4.14
CA VAL A 93 -8.02 3.16 -5.15
C VAL A 93 -8.08 3.78 -6.54
N SER A 94 -7.24 3.30 -7.42
CA SER A 94 -7.20 3.87 -8.77
C SER A 94 -8.45 3.57 -9.58
N LYS A 95 -8.85 4.57 -10.39
CA LYS A 95 -9.91 4.40 -11.34
C LYS A 95 -9.41 3.81 -12.62
N THR A 96 -8.25 4.08 -13.06
CA THR A 96 -7.60 3.38 -14.18
C THR A 96 -6.98 2.10 -13.72
N LYS A 97 -6.93 1.09 -14.55
CA LYS A 97 -6.36 -0.20 -14.20
C LYS A 97 -4.86 -0.20 -14.32
N ALA A 98 -4.20 -0.90 -13.39
CA ALA A 98 -2.81 -1.26 -13.48
C ALA A 98 -2.64 -2.49 -14.37
N GLN A 99 -1.60 -2.46 -15.19
CA GLN A 99 -1.34 -3.44 -16.24
CA GLN A 99 -1.43 -3.55 -16.13
C GLN A 99 -0.01 -4.14 -16.09
N PRO A 100 0.11 -5.38 -16.55
CA PRO A 100 1.44 -5.96 -16.80
C PRO A 100 2.26 -5.07 -17.69
N GLY A 101 3.55 -5.01 -17.39
CA GLY A 101 4.52 -4.35 -18.17
C GLY A 101 4.86 -2.94 -17.58
N TYR A 102 4.03 -2.37 -16.79
CA TYR A 102 4.30 -1.00 -16.28
C TYR A 102 5.37 -1.06 -15.18
N TYR A 103 6.01 0.10 -14.99
CA TYR A 103 6.83 0.41 -13.80
C TYR A 103 6.07 1.35 -12.92
N TYR A 104 6.01 1.04 -11.62
CA TYR A 104 5.26 1.81 -10.63
C TYR A 104 6.19 2.25 -9.52
N GLU A 105 6.09 3.46 -9.07
CA GLU A 105 6.90 3.89 -7.89
C GLU A 105 6.15 4.90 -7.12
N ALA A 106 6.26 4.77 -5.77
CA ALA A 106 5.65 5.70 -4.86
C ALA A 106 6.64 6.11 -3.82
N ARG A 107 6.69 7.41 -3.51
CA ARG A 107 7.59 7.95 -2.47
CA ARG A 107 7.56 7.96 -2.49
C ARG A 107 6.71 8.29 -1.29
N PHE A 108 6.90 7.61 -0.13
CA PHE A 108 6.03 7.85 0.98
C PHE A 108 6.79 7.64 2.30
N LYS A 109 6.22 8.25 3.35
CA LYS A 109 6.62 8.02 4.74
C LYS A 109 5.47 7.35 5.46
N ALA A 110 5.74 6.21 6.12
CA ALA A 110 4.72 5.45 6.80
C ALA A 110 4.19 6.23 7.98
N SER A 111 2.98 5.89 8.40
CA SER A 111 2.49 6.31 9.70
C SER A 111 3.33 5.74 10.84
N SER A 112 3.14 6.32 12.05
CA SER A 112 3.72 5.78 13.31
C SER A 112 2.69 5.04 14.10
N LEU A 113 1.88 4.19 13.44
CA LEU A 113 0.84 3.40 14.08
C LEU A 113 1.14 1.92 13.96
N SER A 114 0.47 1.14 14.81
CA SER A 114 0.42 -0.32 14.68
C SER A 114 -0.69 -0.69 13.68
N MET A 115 -0.44 -0.30 12.43
CA MET A 115 -1.33 -0.48 11.28
C MET A 115 -0.43 -0.51 10.09
N THR A 116 -0.93 -1.08 8.99
CA THR A 116 -0.17 -0.95 7.73
C THR A 116 -0.16 0.47 7.16
N SER A 117 0.90 0.74 6.42
CA SER A 117 1.02 1.80 5.44
C SER A 117 1.40 1.08 4.14
N SER A 118 0.45 0.95 3.21
CA SER A 118 0.61 -0.03 2.12
C SER A 118 0.47 0.59 0.76
N PHE A 119 1.20 -0.01 -0.21
CA PHE A 119 1.17 0.29 -1.62
C PHE A 119 1.04 -1.06 -2.34
N TRP A 120 -0.06 -1.29 -3.04
CA TRP A 120 -0.37 -2.67 -3.47
C TRP A 120 -1.38 -2.62 -4.59
N PHE A 121 -1.75 -3.81 -5.07
CA PHE A 121 -2.60 -3.96 -6.25
C PHE A 121 -3.53 -5.12 -6.01
N ARG A 122 -4.83 -4.93 -6.23
CA ARG A 122 -5.79 -5.99 -6.07
CA ARG A 122 -5.79 -6.02 -6.09
C ARG A 122 -7.03 -5.64 -6.91
N VAL A 123 -8.21 -5.98 -6.41
CA VAL A 123 -9.45 -5.81 -7.19
C VAL A 123 -9.34 -6.62 -8.47
N GLY A 124 -8.78 -7.84 -8.36
CA GLY A 124 -8.69 -8.81 -9.42
C GLY A 124 -9.68 -9.93 -9.28
N GLN A 125 -9.55 -10.90 -10.19
CA GLN A 125 -10.27 -12.16 -10.06
C GLN A 125 -9.45 -13.23 -9.41
N PHE A 126 -8.12 -13.15 -9.43
CA PHE A 126 -7.32 -14.20 -8.86
C PHE A 126 -5.99 -13.77 -8.22
N SER A 127 -5.57 -12.50 -8.32
CA SER A 127 -4.21 -12.11 -7.93
C SER A 127 -4.18 -10.81 -7.13
N GLU A 128 -3.12 -10.71 -6.34
CA GLU A 128 -2.77 -9.55 -5.54
C GLU A 128 -1.28 -9.37 -5.60
N ILE A 129 -0.80 -8.15 -5.76
CA ILE A 129 0.64 -7.83 -5.74
C ILE A 129 0.85 -6.80 -4.65
N ASP A 130 1.65 -7.09 -3.63
CA ASP A 130 1.95 -6.12 -2.57
C ASP A 130 3.35 -5.57 -2.77
N VAL A 131 3.50 -4.28 -3.01
CA VAL A 131 4.83 -3.69 -3.08
C VAL A 131 5.39 -3.54 -1.70
N ILE A 132 4.61 -2.96 -0.78
CA ILE A 132 5.06 -2.84 0.58
C ILE A 132 3.83 -2.76 1.48
N GLU A 133 3.85 -3.48 2.60
CA GLU A 133 2.80 -3.41 3.64
C GLU A 133 3.50 -3.08 4.92
N HIS A 134 3.86 -1.84 5.12
CA HIS A 134 4.81 -1.46 6.18
C HIS A 134 4.13 -1.25 7.48
N ILE A 135 4.68 -1.81 8.55
CA ILE A 135 4.15 -1.63 9.89
C ILE A 135 4.99 -0.58 10.61
N GLY A 136 4.46 0.65 10.62
CA GLY A 136 5.30 1.77 11.04
C GLY A 136 5.71 1.66 12.50
N ASN A 137 4.82 1.21 13.39
CA ASN A 137 5.07 1.20 14.80
C ASN A 137 4.26 0.08 15.48
N PRO A 138 4.68 -1.19 15.36
CA PRO A 138 3.89 -2.30 15.97
C PRO A 138 3.71 -2.09 17.45
N SER A 139 2.52 -2.35 17.96
CA SER A 139 2.31 -2.32 19.41
C SER A 139 2.80 -3.56 20.08
N LYS A 140 3.01 -4.66 19.32
CA LYS A 140 3.69 -5.87 19.84
C LYS A 140 5.16 -5.50 19.91
N GLU A 141 5.59 -5.28 21.14
CA GLU A 141 6.87 -4.65 21.42
C GLU A 141 8.09 -5.42 20.81
N ASN A 142 7.96 -6.75 20.84
CA ASN A 142 9.07 -7.56 20.34
C ASN A 142 9.18 -7.55 18.84
N ARG A 143 8.32 -6.77 18.11
CA ARG A 143 8.47 -6.55 16.68
C ARG A 143 8.97 -5.17 16.34
N GLN A 144 9.23 -4.34 17.35
CA GLN A 144 9.65 -3.00 17.12
C GLN A 144 11.05 -2.93 16.58
N ASP A 145 11.89 -3.93 16.81
CA ASP A 145 13.23 -3.96 16.34
C ASP A 145 13.36 -4.30 14.87
N ASP A 146 12.37 -5.00 14.26
CA ASP A 146 12.52 -5.49 12.90
C ASP A 146 11.49 -4.94 11.93
N LEU A 147 10.19 -4.96 12.27
CA LEU A 147 9.19 -4.59 11.30
C LEU A 147 9.37 -3.13 10.80
N PRO A 148 9.72 -2.17 11.68
CA PRO A 148 9.92 -0.77 11.19
C PRO A 148 11.00 -0.62 10.15
N TYR A 149 11.88 -1.61 10.00
CA TYR A 149 12.94 -1.57 8.99
C TYR A 149 12.61 -2.42 7.79
N GLN A 150 11.42 -3.07 7.75
CA GLN A 150 11.17 -4.07 6.73
C GLN A 150 10.42 -3.53 5.52
N TYR A 151 10.90 -3.84 4.35
CA TYR A 151 10.24 -3.63 3.06
C TYR A 151 9.87 -5.02 2.54
N HIS A 152 8.61 -5.41 2.79
CA HIS A 152 8.13 -6.77 2.46
C HIS A 152 7.24 -6.70 1.25
N VAL A 153 7.57 -7.49 0.24
CA VAL A 153 6.78 -7.64 -1.00
C VAL A 153 5.99 -8.93 -0.91
N ASN A 154 4.92 -9.08 -1.68
CA ASN A 154 4.17 -10.31 -1.63
C ASN A 154 3.32 -10.47 -2.87
N THR A 155 2.84 -11.70 -3.05
CA THR A 155 1.83 -12.04 -4.04
C THR A 155 0.82 -12.96 -3.34
N HIS A 156 -0.45 -12.82 -3.70
CA HIS A 156 -1.50 -13.70 -3.24
C HIS A 156 -2.31 -14.17 -4.40
N TYR A 157 -3.00 -15.32 -4.16
CA TYR A 157 -3.71 -16.04 -5.21
C TYR A 157 -5.08 -16.44 -4.64
N TYR A 158 -6.12 -16.29 -5.41
CA TYR A 158 -7.48 -16.51 -4.93
C TYR A 158 -8.35 -16.85 -6.11
N GLY A 159 -9.67 -17.02 -5.88
CA GLY A 159 -10.59 -17.36 -7.00
C GLY A 159 -10.23 -18.71 -7.65
N LYS A 160 -10.01 -18.71 -8.92
CA LYS A 160 -9.63 -19.97 -9.58
C LYS A 160 -8.28 -20.50 -9.02
N HIS A 161 -7.45 -19.63 -8.41
CA HIS A 161 -6.19 -20.06 -7.85
C HIS A 161 -6.22 -20.10 -6.37
N ALA A 162 -7.39 -20.15 -5.75
CA ALA A 162 -7.47 -20.38 -4.30
C ALA A 162 -6.73 -21.67 -3.92
N GLY A 163 -6.02 -21.58 -2.82
CA GLY A 163 -5.24 -22.67 -2.28
C GLY A 163 -3.75 -22.49 -2.48
N LEU A 164 -3.35 -21.68 -3.48
CA LEU A 164 -1.91 -21.41 -3.56
C LEU A 164 -1.46 -20.53 -2.40
N GLN A 165 -0.32 -20.79 -1.82
CA GLN A 165 0.24 -19.98 -0.75
C GLN A 165 0.77 -18.68 -1.26
N PRO A 166 0.88 -17.66 -0.44
CA PRO A 166 1.52 -16.42 -0.94
C PRO A 166 2.97 -16.66 -1.24
N LEU A 167 3.54 -15.78 -2.03
CA LEU A 167 4.98 -15.86 -2.36
C LEU A 167 5.54 -14.47 -2.35
N GLY A 168 6.49 -14.22 -1.44
CA GLY A 168 7.04 -12.91 -1.26
C GLY A 168 8.44 -12.99 -0.67
N THR A 169 8.97 -11.84 -0.28
CA THR A 169 10.32 -11.74 0.31
C THR A 169 10.44 -10.38 0.97
N GLU A 170 11.61 -10.04 1.49
CA GLU A 170 11.75 -8.81 2.24
C GLU A 170 13.14 -8.29 2.18
N TYR A 171 13.28 -7.03 2.47
CA TYR A 171 14.55 -6.26 2.41
C TYR A 171 14.61 -5.40 3.68
N LYS A 172 15.79 -5.36 4.29
CA LYS A 172 16.01 -4.53 5.48
CA LYS A 172 16.02 -4.53 5.47
C LYS A 172 16.50 -3.18 5.05
N MET A 173 15.73 -2.17 5.39
CA MET A 173 16.04 -0.77 5.08
C MET A 173 17.00 -0.16 6.11
N PRO A 174 17.70 0.91 5.73
CA PRO A 174 18.70 1.52 6.61
C PRO A 174 18.11 2.34 7.70
N GLY A 175 16.87 2.72 7.60
CA GLY A 175 16.18 3.56 8.54
C GLY A 175 14.70 3.07 8.56
N ARG A 176 13.95 3.59 9.51
CA ARG A 176 12.56 3.16 9.66
C ARG A 176 11.69 3.78 8.59
N GLY A 177 10.65 3.03 8.18
CA GLY A 177 9.68 3.59 7.28
C GLY A 177 8.94 4.78 7.83
N ARG A 178 8.69 4.83 9.14
CA ARG A 178 7.99 5.94 9.74
C ARG A 178 8.85 7.21 9.87
N ASP A 179 10.15 7.08 9.66
CA ASP A 179 11.11 8.21 9.81
C ASP A 179 11.57 8.75 8.51
N ASN A 180 11.20 8.19 7.37
CA ASN A 180 11.80 8.55 6.10
C ASN A 180 10.80 8.52 4.99
N PHE A 181 10.92 9.45 4.06
CA PHE A 181 10.33 9.26 2.72
C PHE A 181 11.29 8.43 1.95
N TYR A 182 10.88 7.23 1.55
CA TYR A 182 11.63 6.35 0.68
C TYR A 182 10.81 6.12 -0.56
N THR A 183 11.50 5.76 -1.63
CA THR A 183 10.86 5.51 -2.93
C THR A 183 10.86 4.01 -3.19
N TYR A 184 9.64 3.43 -3.21
CA TYR A 184 9.43 1.99 -3.40
C TYR A 184 8.98 1.79 -4.86
N GLY A 185 9.79 1.07 -5.61
CA GLY A 185 9.54 0.81 -7.03
C GLY A 185 9.20 -0.64 -7.30
N PHE A 186 8.43 -0.84 -8.38
CA PHE A 186 7.94 -2.14 -8.77
C PHE A 186 7.83 -2.18 -10.30
N TRP A 187 8.58 -3.07 -10.94
CA TRP A 187 8.46 -3.29 -12.38
C TRP A 187 7.69 -4.61 -12.54
N TRP A 188 6.47 -4.51 -13.07
CA TRP A 188 5.66 -5.68 -13.45
C TRP A 188 6.20 -6.15 -14.78
N LYS A 189 7.42 -6.66 -14.79
CA LYS A 189 8.18 -6.76 -16.05
C LYS A 189 7.59 -7.78 -16.97
N SER A 190 7.13 -8.89 -16.43
CA SER A 190 6.38 -9.93 -17.13
C SER A 190 5.33 -10.44 -16.22
N PRO A 191 4.30 -11.12 -16.72
CA PRO A 191 3.43 -11.91 -15.80
C PRO A 191 4.18 -12.85 -14.93
N ASN A 192 5.39 -13.30 -15.38
CA ASN A 192 6.19 -14.25 -14.62
C ASN A 192 7.40 -13.61 -13.97
N GLU A 193 7.52 -12.29 -13.87
CA GLU A 193 8.70 -11.70 -13.26
C GLU A 193 8.38 -10.32 -12.72
N LEU A 194 8.46 -10.21 -11.39
CA LEU A 194 8.24 -8.97 -10.67
C LEU A 194 9.56 -8.51 -10.08
N LEU A 195 9.95 -7.25 -10.32
CA LEU A 195 11.21 -6.70 -9.79
C LEU A 195 10.84 -5.57 -8.87
N PHE A 196 11.54 -5.46 -7.75
CA PHE A 196 11.25 -4.42 -6.70
C PHE A 196 12.51 -3.65 -6.41
N TYR A 197 12.31 -2.37 -6.15
CA TYR A 197 13.39 -1.37 -6.07
C TYR A 197 13.22 -0.53 -4.81
N PHE A 198 14.38 -0.15 -4.26
CA PHE A 198 14.45 0.70 -3.09
C PHE A 198 15.30 1.91 -3.43
N ASN A 199 14.74 3.08 -3.47
CA ASN A 199 15.51 4.27 -3.86
C ASN A 199 16.26 4.04 -5.14
N GLY A 200 15.62 3.41 -6.14
CA GLY A 200 16.21 3.28 -7.47
C GLY A 200 17.07 2.11 -7.64
N LYS A 201 17.32 1.28 -6.69
CA LYS A 201 18.20 0.11 -6.78
C LYS A 201 17.34 -1.16 -6.72
N GLN A 202 17.57 -2.11 -7.64
CA GLN A 202 16.82 -3.36 -7.59
C GLN A 202 17.26 -4.13 -6.36
N VAL A 203 16.31 -4.58 -5.52
CA VAL A 203 16.62 -5.28 -4.28
C VAL A 203 15.92 -6.61 -4.14
N MET A 204 14.78 -6.84 -4.83
CA MET A 204 14.05 -8.10 -4.69
C MET A 204 13.46 -8.51 -6.01
N ARG A 205 13.19 -9.80 -6.14
CA ARG A 205 12.58 -10.38 -7.34
C ARG A 205 11.66 -11.48 -6.94
N ILE A 206 10.46 -11.53 -7.55
CA ILE A 206 9.55 -12.63 -7.37
C ILE A 206 9.13 -13.23 -8.71
N VAL A 207 9.16 -14.54 -8.83
CA VAL A 207 8.56 -15.25 -9.94
C VAL A 207 7.22 -15.76 -9.43
N PRO A 208 6.09 -15.15 -9.85
CA PRO A 208 4.80 -15.54 -9.27
C PRO A 208 4.52 -17.01 -9.57
N ARG A 209 3.67 -17.60 -8.74
CA ARG A 209 3.33 -19.03 -8.82
C ARG A 209 2.56 -19.38 -10.07
N VAL A 210 1.77 -18.44 -10.57
CA VAL A 210 1.06 -18.51 -11.85
C VAL A 210 1.22 -17.19 -12.51
N PRO A 211 1.01 -17.08 -13.81
CA PRO A 211 1.23 -15.79 -14.47
C PRO A 211 0.29 -14.70 -13.96
N LEU A 212 0.85 -13.54 -13.66
CA LEU A 212 0.05 -12.40 -13.26
C LEU A 212 -0.25 -11.58 -14.51
N ASP A 213 -1.27 -12.05 -15.22
CA ASP A 213 -1.61 -11.52 -16.53
C ASP A 213 -3.01 -10.91 -16.52
N GLU A 214 -3.57 -10.60 -15.34
CA GLU A 214 -4.83 -9.83 -15.27
C GLU A 214 -4.56 -8.40 -14.84
N GLU A 215 -5.43 -7.50 -15.26
CA GLU A 215 -5.31 -6.10 -14.81
CA GLU A 215 -5.39 -6.10 -14.80
C GLU A 215 -5.86 -6.04 -13.36
N LEU A 216 -5.34 -5.07 -12.62
CA LEU A 216 -5.64 -4.87 -11.20
C LEU A 216 -5.93 -3.39 -10.98
N ARG A 217 -6.26 -3.00 -9.80
CA ARG A 217 -6.31 -1.58 -9.38
CA ARG A 217 -6.32 -1.59 -9.40
C ARG A 217 -5.22 -1.35 -8.39
N MET A 218 -4.61 -0.16 -8.46
CA MET A 218 -3.57 0.31 -7.53
CA MET A 218 -3.59 0.30 -7.54
C MET A 218 -4.23 0.88 -6.30
N ILE A 219 -3.68 0.56 -5.13
CA ILE A 219 -4.20 0.89 -3.83
C ILE A 219 -3.12 1.46 -2.95
N PHE A 220 -3.48 2.55 -2.25
CA PHE A 220 -2.79 2.93 -1.00
C PHE A 220 -3.77 2.76 0.10
N ASP A 221 -3.40 2.12 1.23
CA ASP A 221 -4.36 2.01 2.30
C ASP A 221 -3.65 1.80 3.63
N THR A 222 -4.50 1.80 4.66
CA THR A 222 -4.12 1.53 6.05
C THR A 222 -5.10 0.53 6.61
N GLU A 223 -4.58 -0.40 7.43
CA GLU A 223 -5.42 -1.46 7.98
C GLU A 223 -4.95 -1.85 9.39
N VAL A 224 -5.92 -2.12 10.26
CA VAL A 224 -5.63 -2.87 11.51
C VAL A 224 -5.60 -4.34 11.23
N PHE A 225 -4.62 -5.04 11.82
CA PHE A 225 -4.59 -6.49 11.80
C PHE A 225 -4.90 -7.00 13.17
N PRO A 226 -6.02 -7.65 13.40
CA PRO A 226 -6.37 -8.11 14.74
C PRO A 226 -5.54 -9.36 15.13
N PHE A 227 -4.87 -9.97 14.17
CA PHE A 227 -4.06 -11.15 14.35
C PHE A 227 -3.37 -11.38 12.98
N ALA A 228 -2.39 -12.26 12.91
CA ALA A 228 -1.69 -12.55 11.67
C ALA A 228 -2.66 -13.08 10.66
N THR A 229 -2.68 -12.55 9.45
CA THR A 229 -3.55 -12.96 8.36
C THR A 229 -3.05 -12.25 7.10
N ALA A 230 -3.48 -12.79 5.94
CA ALA A 230 -3.28 -12.06 4.67
C ALA A 230 -1.82 -11.70 4.47
N GLY A 231 -0.88 -12.54 4.91
CA GLY A 231 0.52 -12.33 4.74
C GLY A 231 1.17 -11.28 5.62
N VAL A 232 0.47 -10.78 6.60
CA VAL A 232 0.97 -9.80 7.57
C VAL A 232 1.08 -10.48 8.92
N ALA A 233 2.10 -10.11 9.67
CA ALA A 233 2.36 -10.71 11.03
C ALA A 233 1.36 -10.27 12.05
N ASN A 234 1.45 -10.92 13.23
CA ASN A 234 0.86 -10.43 14.44
C ASN A 234 1.60 -9.15 14.86
N ILE A 235 0.93 -8.01 14.77
CA ILE A 235 1.53 -6.71 15.03
C ILE A 235 0.99 -6.02 16.24
N GLY A 236 -0.18 -6.41 16.72
CA GLY A 236 -0.84 -5.73 17.82
C GLY A 236 -1.81 -4.68 17.34
N LEU A 237 -2.87 -4.42 18.15
CA LEU A 237 -3.82 -3.36 17.85
C LEU A 237 -3.18 -1.99 18.04
N PRO A 238 -3.61 -0.96 17.33
CA PRO A 238 -3.07 0.39 17.53
C PRO A 238 -3.56 0.97 18.84
N LYS A 239 -2.88 2.04 19.24
CA LYS A 239 -3.17 2.75 20.46
C LYS A 239 -3.98 4.01 20.18
N PRO A 240 -5.10 4.19 20.90
CA PRO A 240 -5.87 5.45 20.76
C PRO A 240 -5.02 6.67 20.84
N GLU A 241 -4.05 6.67 21.75
CA GLU A 241 -3.23 7.86 21.95
C GLU A 241 -2.51 8.25 20.65
N ASN A 242 -2.06 7.27 19.85
CA ASN A 242 -1.41 7.57 18.60
C ASN A 242 -2.42 7.92 17.50
N LEU A 243 -3.55 7.23 17.48
CA LEU A 243 -4.62 7.55 16.54
C LEU A 243 -5.12 8.96 16.67
N ARG A 244 -5.08 9.54 17.88
CA ARG A 244 -5.46 10.92 18.17
CA ARG A 244 -5.49 10.92 18.11
C ARG A 244 -4.43 11.92 17.78
N ASP A 245 -3.21 11.53 17.43
CA ASP A 245 -2.07 12.44 17.22
C ASP A 245 -1.81 12.58 15.77
N ASN A 246 -2.14 13.74 15.18
CA ASN A 246 -1.92 13.90 13.74
C ASN A 246 -0.46 13.90 13.32
N SER A 247 0.49 14.00 14.23
CA SER A 247 1.89 13.84 13.91
C SER A 247 2.32 12.39 13.79
N LYS A 248 1.44 11.45 14.20
CA LYS A 248 1.80 10.02 14.17
C LYS A 248 0.81 9.20 13.36
N ASN A 249 -0.40 9.66 13.05
CA ASN A 249 -1.44 8.81 12.55
C ASN A 249 -1.57 8.83 11.01
N THR A 250 -0.63 9.41 10.29
CA THR A 250 -0.83 9.65 8.87
C THR A 250 0.35 9.14 8.05
N MET A 251 0.00 8.28 7.07
CA MET A 251 0.93 7.88 6.01
C MET A 251 0.92 9.00 4.96
N LYS A 252 2.05 9.46 4.50
CA LYS A 252 2.13 10.58 3.57
C LYS A 252 2.82 10.16 2.30
N VAL A 253 2.08 10.18 1.17
CA VAL A 253 2.59 9.83 -0.16
C VAL A 253 2.94 11.12 -0.89
N ASP A 254 4.17 11.43 -1.12
CA ASP A 254 4.58 12.66 -1.86
C ASP A 254 4.09 12.53 -3.32
N TRP A 255 4.23 11.35 -3.92
CA TRP A 255 3.85 11.20 -5.34
C TRP A 255 3.79 9.72 -5.63
N VAL A 256 3.07 9.43 -6.72
CA VAL A 256 3.12 8.11 -7.36
C VAL A 256 3.36 8.36 -8.84
N ARG A 257 4.21 7.61 -9.46
CA ARG A 257 4.54 7.78 -10.89
C ARG A 257 4.58 6.41 -11.51
N VAL A 258 3.95 6.32 -12.68
CA VAL A 258 3.79 5.04 -13.39
C VAL A 258 4.21 5.26 -14.81
N TYR A 259 4.90 4.32 -15.38
CA TYR A 259 5.38 4.43 -16.74
C TYR A 259 5.11 3.12 -17.48
N LYS A 260 4.99 3.26 -18.79
CA LYS A 260 4.84 2.08 -19.69
C LYS A 260 5.85 2.22 -20.74
N LEU A 261 6.16 1.10 -21.37
CA LEU A 261 7.03 1.15 -22.55
C LEU A 261 6.25 1.27 -23.86
N VAL A 262 6.75 2.16 -24.68
CA VAL A 262 6.24 2.42 -26.05
C VAL A 262 7.27 1.94 -27.03
N ASP A 263 6.81 1.37 -28.17
CA ASP A 263 7.69 0.83 -29.19
C ASP A 263 8.62 1.98 -29.76
N GLY A 264 8.19 3.25 -29.87
CA CA B . 3.84 15.92 -3.85
S SO4 C . -3.16 -15.81 2.04
O1 SO4 C . -2.08 -15.07 2.64
O2 SO4 C . -3.03 -17.22 2.28
O3 SO4 C . -4.37 -15.32 2.58
O4 SO4 C . -3.09 -15.53 0.54
CL CL D . -0.36 2.73 17.48
#